data_4B52
#
_entry.id   4B52
#
_cell.length_a   61.121
_cell.length_b   77.021
_cell.length_c   64.443
_cell.angle_alpha   90.00
_cell.angle_beta   103.58
_cell.angle_gamma   90.00
#
_symmetry.space_group_name_H-M   'P 1 21 1'
#
loop_
_entity.id
_entity.type
_entity.pdbx_description
1 polymer BACILLOLYSIN
2 non-polymer 'ZINC ION'
3 non-polymer 'CALCIUM ION'
4 non-polymer N-ALPHA-L-RHAMNOPYRANOSYLOXY(HYDROXYPHOSPHINYL)-L-LEUCYL-L-TRYPTOPHAN
5 non-polymer 'SODIUM ION'
6 water water
#
_entity_poly.entity_id   1
_entity_poly.type   'polypeptide(L)'
_entity_poly.pdbx_seq_one_letter_code
;ATGTGKGVLGDTKSFTTTASGSSYQLKDTTRGNGVVTYTASNRQSIPGTILTDADNVWNDPAGVDAHTYAAKTYDYYKAK
FGRNSIDGRGLQLRSTVHYGSRYNNAFWNGSQMTYGDGDGSTFIAFSGDPDVVGHELTHGVTEYTSNLEYYGESGALNEA
FSDVIGNDIQRKNWLVGDDIYTPNIAGDALRSMSNPTLYDQPDHYSNLYTGSSDNGGVHTNSGIINKAYYLLAQGGTFHG
VTVNGIGRDAAVQIYYSAFTNYLTSSSDFSNARAAVIQAAKDQYGANSAEATAAAKSFDAVGVN
;
_entity_poly.pdbx_strand_id   A,B
#
# COMPACT_ATOMS: atom_id res chain seq x y z
N ALA A 1 2.99 -36.22 -6.28
CA ALA A 1 3.03 -37.19 -5.11
C ALA A 1 1.89 -36.81 -4.17
N THR A 2 1.46 -37.67 -3.22
CA THR A 2 0.44 -37.27 -2.26
C THR A 2 1.04 -37.09 -0.90
N GLY A 3 1.17 -35.83 -0.50
CA GLY A 3 1.74 -35.54 0.82
C GLY A 3 0.60 -35.44 1.83
N THR A 4 0.89 -35.59 3.13
CA THR A 4 -0.06 -35.54 4.19
C THR A 4 0.59 -34.77 5.37
N GLY A 5 -0.21 -34.13 6.23
CA GLY A 5 0.34 -33.58 7.49
C GLY A 5 -0.69 -32.70 8.17
N LYS A 6 -0.38 -32.17 9.36
CA LYS A 6 -1.34 -31.48 10.16
C LYS A 6 -1.32 -29.98 9.85
N GLY A 7 -2.50 -29.33 9.89
CA GLY A 7 -2.56 -27.85 9.76
C GLY A 7 -2.34 -27.25 11.13
N VAL A 8 -2.50 -25.91 11.21
CA VAL A 8 -2.26 -25.13 12.38
C VAL A 8 -3.25 -25.59 13.46
N LEU A 9 -4.46 -26.04 13.05
CA LEU A 9 -5.47 -26.47 14.05
CA LEU A 9 -5.41 -26.47 14.09
C LEU A 9 -5.29 -27.93 14.47
N GLY A 10 -4.24 -28.61 14.02
CA GLY A 10 -3.99 -30.00 14.37
C GLY A 10 -4.73 -31.04 13.53
N ASP A 11 -5.33 -30.64 12.41
CA ASP A 11 -6.20 -31.50 11.61
C ASP A 11 -5.33 -32.08 10.52
N THR A 12 -5.28 -33.41 10.40
CA THR A 12 -4.61 -34.05 9.23
C THR A 12 -5.29 -33.85 7.89
N LYS A 13 -4.53 -33.51 6.84
CA LYS A 13 -5.13 -33.27 5.51
C LYS A 13 -4.12 -33.71 4.46
N SER A 14 -4.55 -34.01 3.20
CA SER A 14 -3.59 -34.33 2.18
C SER A 14 -3.57 -33.19 1.15
N PHE A 15 -2.62 -33.30 0.26
CA PHE A 15 -2.30 -32.22 -0.67
C PHE A 15 -1.22 -32.73 -1.63
N THR A 16 -1.04 -32.07 -2.78
CA THR A 16 -0.13 -32.57 -3.80
C THR A 16 1.26 -32.00 -3.59
N THR A 17 2.27 -32.86 -3.73
CA THR A 17 3.66 -32.46 -3.64
C THR A 17 4.41 -33.06 -4.81
N THR A 18 5.72 -32.78 -4.87
CA THR A 18 6.59 -33.24 -5.92
C THR A 18 7.83 -33.93 -5.38
N ALA A 19 8.16 -35.08 -5.99
CA ALA A 19 9.29 -35.86 -5.50
C ALA A 19 10.49 -35.27 -6.16
N SER A 20 11.52 -34.97 -5.38
CA SER A 20 12.79 -34.50 -5.95
C SER A 20 14.02 -35.24 -5.39
N GLY A 21 14.56 -36.12 -6.22
CA GLY A 21 15.57 -37.07 -5.76
C GLY A 21 15.02 -37.86 -4.59
N SER A 22 15.70 -37.69 -3.47
CA SER A 22 15.54 -38.47 -2.26
C SER A 22 14.39 -38.00 -1.36
N SER A 23 13.84 -36.82 -1.66
CA SER A 23 12.89 -36.13 -0.77
C SER A 23 11.70 -35.48 -1.54
N TYR A 24 10.86 -34.64 -0.89
CA TYR A 24 9.66 -34.05 -1.53
C TYR A 24 9.66 -32.50 -1.28
N GLN A 25 9.19 -31.78 -2.30
CA GLN A 25 8.99 -30.36 -2.21
C GLN A 25 7.49 -30.04 -2.11
N LEU A 26 7.17 -28.97 -1.41
CA LEU A 26 5.80 -28.58 -1.24
C LEU A 26 5.39 -27.77 -2.46
N LYS A 27 5.11 -28.48 -3.54
CA LYS A 27 4.91 -27.89 -4.84
C LYS A 27 3.92 -28.81 -5.58
N ASP A 28 2.80 -28.24 -6.00
CA ASP A 28 1.78 -28.97 -6.68
C ASP A 28 1.81 -28.43 -8.13
N THR A 29 2.24 -29.26 -9.10
CA THR A 29 2.27 -28.75 -10.49
C THR A 29 1.02 -29.03 -11.29
N THR A 30 -0.01 -29.49 -10.62
CA THR A 30 -1.25 -29.86 -11.33
C THR A 30 -2.35 -28.79 -11.40
N ARG A 31 -2.16 -27.60 -10.75
CA ARG A 31 -3.15 -26.51 -10.75
C ARG A 31 -2.52 -25.27 -11.35
N GLY A 32 -3.01 -24.87 -12.53
CA GLY A 32 -2.36 -23.84 -13.32
C GLY A 32 -0.86 -24.03 -13.46
N ASN A 33 -0.13 -22.94 -13.35
CA ASN A 33 1.29 -22.95 -13.42
C ASN A 33 1.88 -23.42 -12.09
N GLY A 34 1.05 -23.94 -11.21
CA GLY A 34 1.58 -24.46 -9.98
C GLY A 34 1.00 -23.85 -8.75
N VAL A 35 1.03 -24.61 -7.69
CA VAL A 35 0.90 -24.07 -6.37
C VAL A 35 2.23 -24.40 -5.61
N VAL A 36 2.96 -23.39 -5.14
CA VAL A 36 4.25 -23.68 -4.53
C VAL A 36 4.48 -22.94 -3.22
N THR A 37 4.99 -23.60 -2.16
CA THR A 37 4.96 -23.06 -0.83
C THR A 37 6.36 -23.06 -0.23
N TYR A 38 6.75 -21.92 0.33
CA TYR A 38 8.10 -21.63 0.79
C TYR A 38 8.16 -21.28 2.28
N THR A 39 9.32 -21.42 2.88
CA THR A 39 9.55 -20.89 4.19
C THR A 39 10.49 -19.70 4.07
N ALA A 40 10.22 -18.60 4.80
CA ALA A 40 11.19 -17.52 4.93
C ALA A 40 12.13 -17.74 6.17
N SER A 41 12.01 -18.88 6.81
CA SER A 41 12.92 -19.32 7.90
C SER A 41 13.06 -18.29 9.01
N ASN A 42 11.95 -17.62 9.30
CA ASN A 42 11.86 -16.55 10.30
C ASN A 42 12.68 -15.29 10.02
N ARG A 43 13.06 -15.07 8.77
CA ARG A 43 13.63 -13.82 8.34
C ARG A 43 12.60 -13.26 7.39
N GLN A 44 12.95 -12.12 6.83
CA GLN A 44 12.04 -11.38 5.95
C GLN A 44 12.44 -11.36 4.46
N SER A 45 13.26 -12.31 3.99
CA SER A 45 13.40 -12.40 2.54
C SER A 45 12.30 -13.27 1.99
N ILE A 46 11.68 -12.80 0.93
CA ILE A 46 10.69 -13.60 0.22
C ILE A 46 11.14 -13.76 -1.23
N PRO A 47 10.84 -14.90 -1.86
CA PRO A 47 9.97 -16.00 -1.34
C PRO A 47 10.59 -16.91 -0.31
N GLY A 48 11.91 -17.02 -0.26
CA GLY A 48 12.49 -17.86 0.78
C GLY A 48 12.92 -19.10 0.08
N THR A 49 12.87 -20.28 0.74
CA THR A 49 13.19 -21.52 0.07
C THR A 49 11.95 -22.43 0.11
N ILE A 50 11.76 -23.17 -0.97
CA ILE A 50 10.68 -24.15 -1.06
C ILE A 50 10.75 -25.18 0.06
N LEU A 51 9.61 -25.43 0.72
CA LEU A 51 9.58 -26.33 1.86
C LEU A 51 9.84 -27.76 1.36
N THR A 52 10.62 -28.50 2.14
CA THR A 52 11.02 -29.85 1.79
C THR A 52 10.75 -30.85 2.96
N ASP A 53 10.55 -32.14 2.62
CA ASP A 53 10.37 -33.16 3.68
C ASP A 53 10.90 -34.43 3.06
N ALA A 54 11.45 -35.27 3.91
CA ALA A 54 12.12 -36.47 3.41
C ALA A 54 11.13 -37.60 3.08
N ASP A 55 9.99 -37.67 3.75
CA ASP A 55 9.16 -38.85 3.58
C ASP A 55 7.73 -38.53 3.11
N ASN A 56 7.51 -37.24 2.83
CA ASN A 56 6.19 -36.77 2.38
C ASN A 56 5.08 -36.79 3.50
N VAL A 57 5.48 -36.99 4.77
CA VAL A 57 4.55 -36.69 5.86
C VAL A 57 5.06 -35.43 6.56
N TRP A 58 4.31 -34.34 6.43
CA TRP A 58 4.84 -32.97 6.74
C TRP A 58 4.69 -32.53 8.15
N ASN A 59 5.72 -31.93 8.75
CA ASN A 59 5.59 -31.41 10.08
C ASN A 59 5.88 -29.90 9.92
N ASP A 60 4.91 -29.15 9.38
CA ASP A 60 5.01 -27.67 9.34
C ASP A 60 3.60 -27.19 9.15
N PRO A 61 2.90 -27.03 10.26
CA PRO A 61 1.48 -26.71 10.28
C PRO A 61 1.15 -25.50 9.40
N ALA A 62 1.93 -24.42 9.57
CA ALA A 62 1.81 -23.21 8.72
C ALA A 62 1.93 -23.49 7.20
N GLY A 63 2.94 -24.29 6.81
CA GLY A 63 3.11 -24.50 5.41
C GLY A 63 2.01 -25.43 4.84
N VAL A 64 1.66 -26.44 5.63
CA VAL A 64 0.61 -27.42 5.22
C VAL A 64 -0.67 -26.62 4.99
N ASP A 65 -1.02 -25.71 5.89
CA ASP A 65 -2.27 -24.95 5.65
C ASP A 65 -2.15 -23.96 4.49
N ALA A 66 -0.98 -23.30 4.35
CA ALA A 66 -0.81 -22.25 3.31
C ALA A 66 -0.96 -22.95 1.95
N HIS A 67 -0.43 -24.20 1.85
CA HIS A 67 -0.37 -24.89 0.63
C HIS A 67 -1.72 -25.46 0.27
N THR A 68 -2.30 -26.14 1.26
CA THR A 68 -3.59 -26.81 1.08
C THR A 68 -4.69 -25.80 0.75
N TYR A 69 -4.80 -24.78 1.60
CA TYR A 69 -5.76 -23.69 1.31
C TYR A 69 -5.47 -22.88 0.04
N ALA A 70 -4.20 -22.66 -0.38
CA ALA A 70 -4.03 -22.09 -1.73
C ALA A 70 -4.65 -23.06 -2.81
N ALA A 71 -4.41 -24.36 -2.65
CA ALA A 71 -4.93 -25.29 -3.63
C ALA A 71 -6.47 -25.29 -3.59
N LYS A 72 -7.04 -25.30 -2.40
CA LYS A 72 -8.51 -25.26 -2.25
C LYS A 72 -9.17 -23.96 -2.80
N THR A 73 -8.44 -22.85 -2.61
CA THR A 73 -8.88 -21.56 -3.14
C THR A 73 -8.74 -21.52 -4.67
N TYR A 74 -7.65 -22.06 -5.22
CA TYR A 74 -7.59 -22.31 -6.66
C TYR A 74 -8.86 -23.08 -7.16
N ASP A 75 -9.18 -24.17 -6.51
CA ASP A 75 -10.28 -25.00 -7.00
C ASP A 75 -11.63 -24.28 -6.86
N TYR A 76 -11.80 -23.54 -5.77
CA TYR A 76 -13.05 -22.79 -5.51
C TYR A 76 -13.21 -21.73 -6.64
N TYR A 77 -12.14 -21.03 -7.02
CA TYR A 77 -12.24 -19.96 -8.01
C TYR A 77 -12.61 -20.55 -9.37
N LYS A 78 -11.95 -21.65 -9.75
CA LYS A 78 -12.32 -22.33 -11.00
CA LYS A 78 -12.29 -22.45 -10.95
C LYS A 78 -13.73 -22.95 -10.95
N ALA A 79 -14.12 -23.63 -9.87
CA ALA A 79 -15.45 -24.18 -9.74
C ALA A 79 -16.55 -23.11 -9.66
N LYS A 80 -16.37 -22.05 -8.91
CA LYS A 80 -17.50 -21.21 -8.61
C LYS A 80 -17.59 -20.06 -9.61
N PHE A 81 -16.46 -19.61 -10.14
CA PHE A 81 -16.49 -18.47 -11.04
C PHE A 81 -15.83 -18.68 -12.39
N GLY A 82 -15.35 -19.89 -12.65
CA GLY A 82 -14.67 -20.21 -13.88
C GLY A 82 -13.37 -19.50 -14.10
N ARG A 83 -12.70 -19.06 -13.02
CA ARG A 83 -11.49 -18.31 -13.13
C ARG A 83 -10.29 -19.24 -12.88
N ASN A 84 -9.30 -19.16 -13.76
CA ASN A 84 -8.09 -19.97 -13.63
C ASN A 84 -6.99 -19.15 -12.95
N SER A 85 -6.84 -19.36 -11.64
CA SER A 85 -5.89 -18.61 -10.77
C SER A 85 -6.16 -17.10 -10.68
N ILE A 86 -5.21 -16.40 -10.10
CA ILE A 86 -5.40 -14.97 -9.75
C ILE A 86 -5.60 -14.11 -11.00
N ASP A 87 -4.88 -14.44 -12.08
CA ASP A 87 -4.88 -13.56 -13.30
C ASP A 87 -5.82 -14.11 -14.34
N GLY A 88 -6.49 -15.20 -14.03
CA GLY A 88 -7.43 -15.86 -14.98
C GLY A 88 -6.71 -16.74 -15.98
N ARG A 89 -5.37 -16.66 -15.95
CA ARG A 89 -4.50 -17.39 -16.86
C ARG A 89 -3.54 -18.38 -16.19
N GLY A 90 -3.82 -18.83 -14.99
CA GLY A 90 -2.99 -19.90 -14.33
C GLY A 90 -1.73 -19.41 -13.64
N LEU A 91 -1.64 -18.12 -13.32
CA LEU A 91 -0.52 -17.55 -12.55
C LEU A 91 -0.06 -18.52 -11.46
N GLN A 92 1.22 -18.81 -11.39
CA GLN A 92 1.66 -19.68 -10.30
C GLN A 92 1.28 -19.10 -8.91
N LEU A 93 0.69 -19.90 -8.01
CA LEU A 93 0.31 -19.45 -6.69
C LEU A 93 1.44 -19.74 -5.70
N ARG A 94 2.10 -18.67 -5.26
CA ARG A 94 3.26 -18.79 -4.34
C ARG A 94 2.90 -18.33 -2.97
N SER A 95 3.21 -19.13 -1.94
CA SER A 95 2.96 -18.69 -0.59
C SER A 95 4.21 -18.76 0.26
N THR A 96 4.53 -17.78 1.10
CA THR A 96 5.63 -17.95 2.06
C THR A 96 5.11 -17.92 3.47
N VAL A 97 5.50 -18.93 4.23
CA VAL A 97 5.20 -18.97 5.65
C VAL A 97 6.46 -18.68 6.57
N HIS A 98 6.23 -18.50 7.84
CA HIS A 98 7.30 -18.14 8.82
C HIS A 98 8.06 -16.91 8.35
N TYR A 99 7.32 -15.95 7.79
CA TYR A 99 7.87 -14.62 7.58
C TYR A 99 8.11 -13.89 8.90
N GLY A 100 9.36 -13.46 9.05
CA GLY A 100 9.78 -12.80 10.24
C GLY A 100 9.65 -13.59 11.53
N SER A 101 9.74 -12.82 12.59
CA SER A 101 9.77 -13.37 13.93
C SER A 101 8.55 -12.88 14.70
N ARG A 102 7.66 -13.79 15.01
CA ARG A 102 6.44 -13.44 15.78
C ARG A 102 5.65 -12.32 15.15
N TYR A 103 5.56 -12.39 13.83
CA TYR A 103 5.07 -11.28 13.00
C TYR A 103 3.58 -11.32 12.85
N ASN A 104 2.88 -10.26 13.21
CA ASN A 104 1.44 -10.35 13.30
C ASN A 104 0.74 -9.78 12.14
N ASN A 105 1.17 -10.16 10.97
CA ASN A 105 0.34 -9.90 9.80
C ASN A 105 0.47 -10.97 8.72
N ALA A 106 -0.36 -10.79 7.68
CA ALA A 106 -0.23 -11.52 6.44
C ALA A 106 -0.64 -10.59 5.28
N PHE A 107 -0.11 -10.85 4.07
CA PHE A 107 -0.25 -9.85 3.01
C PHE A 107 0.01 -10.36 1.66
N TRP A 108 -0.62 -9.65 0.71
CA TRP A 108 -0.43 -9.89 -0.73
C TRP A 108 0.48 -8.82 -1.27
N ASN A 109 1.55 -9.15 -2.01
CA ASN A 109 2.54 -8.10 -2.36
C ASN A 109 2.62 -7.76 -3.83
N GLY A 110 1.64 -8.18 -4.59
CA GLY A 110 1.61 -7.91 -6.00
C GLY A 110 2.07 -9.19 -6.69
N SER A 111 2.69 -10.12 -5.95
CA SER A 111 3.08 -11.43 -6.60
C SER A 111 2.75 -12.71 -5.90
N GLN A 112 2.76 -12.68 -4.59
CA GLN A 112 2.55 -13.90 -3.80
C GLN A 112 1.92 -13.57 -2.50
N MET A 113 1.50 -14.59 -1.76
CA MET A 113 1.02 -14.41 -0.41
C MET A 113 2.10 -14.71 0.62
N THR A 114 2.09 -13.92 1.69
CA THR A 114 3.07 -14.06 2.74
C THR A 114 2.39 -14.09 4.10
N TYR A 115 2.88 -14.94 4.96
CA TYR A 115 2.16 -15.24 6.21
C TYR A 115 3.12 -15.19 7.40
N GLY A 116 2.91 -14.23 8.34
CA GLY A 116 3.66 -14.33 9.59
C GLY A 116 3.20 -15.51 10.48
N ASP A 117 4.03 -15.88 11.46
CA ASP A 117 3.56 -16.79 12.53
C ASP A 117 2.63 -16.30 13.62
N GLY A 118 2.49 -15.00 13.76
CA GLY A 118 1.71 -14.45 14.84
C GLY A 118 2.63 -14.45 16.07
N ASP A 119 2.22 -13.70 17.06
CA ASP A 119 2.98 -13.67 18.31
C ASP A 119 2.56 -14.73 19.32
N GLY A 120 1.60 -15.59 19.02
CA GLY A 120 1.21 -16.66 19.93
C GLY A 120 0.16 -16.19 20.92
N SER A 121 -0.06 -14.88 20.91
CA SER A 121 -0.94 -14.23 21.91
C SER A 121 -2.21 -13.64 21.23
N THR A 122 -2.03 -12.65 20.37
CA THR A 122 -3.14 -12.12 19.55
C THR A 122 -3.48 -13.02 18.38
N PHE A 123 -2.44 -13.59 17.78
CA PHE A 123 -2.59 -14.38 16.57
C PHE A 123 -1.70 -15.56 16.69
N ILE A 124 -2.14 -16.64 16.09
CA ILE A 124 -1.30 -17.82 15.74
C ILE A 124 -1.02 -17.83 14.23
N ALA A 125 -0.39 -18.85 13.64
CA ALA A 125 0.03 -18.76 12.23
C ALA A 125 -1.14 -18.42 11.25
N PHE A 126 -0.93 -17.44 10.38
CA PHE A 126 -2.09 -16.79 9.73
C PHE A 126 -2.70 -17.65 8.68
N SER A 127 -1.94 -18.62 8.15
CA SER A 127 -2.41 -19.51 7.13
C SER A 127 -3.43 -20.52 7.66
N GLY A 128 -3.58 -20.56 8.96
CA GLY A 128 -4.49 -21.46 9.64
C GLY A 128 -5.98 -21.14 9.54
N ASP A 129 -6.36 -20.08 8.87
CA ASP A 129 -7.84 -19.89 8.61
C ASP A 129 -7.93 -19.85 7.10
N PRO A 130 -8.74 -20.75 6.50
CA PRO A 130 -9.00 -20.62 5.05
C PRO A 130 -9.56 -19.30 4.62
N ASP A 131 -10.22 -18.56 5.49
CA ASP A 131 -10.74 -17.26 5.08
C ASP A 131 -9.63 -16.16 5.10
N VAL A 132 -8.49 -16.41 5.73
CA VAL A 132 -7.34 -15.53 5.62
C VAL A 132 -6.59 -15.78 4.35
N VAL A 133 -6.31 -17.05 4.06
CA VAL A 133 -5.72 -17.42 2.76
C VAL A 133 -6.58 -16.93 1.57
N GLY A 134 -7.90 -17.18 1.66
CA GLY A 134 -8.88 -16.56 0.76
C GLY A 134 -8.75 -15.06 0.56
N HIS A 135 -8.61 -14.36 1.66
CA HIS A 135 -8.56 -12.91 1.77
C HIS A 135 -7.31 -12.50 1.00
N GLU A 136 -6.18 -13.18 1.27
CA GLU A 136 -4.87 -12.80 0.63
C GLU A 136 -4.90 -13.03 -0.86
N LEU A 137 -5.28 -14.21 -1.31
CA LEU A 137 -5.32 -14.54 -2.71
C LEU A 137 -6.31 -13.62 -3.48
N THR A 138 -7.37 -13.24 -2.79
CA THR A 138 -8.36 -12.35 -3.41
C THR A 138 -7.83 -10.92 -3.65
N HIS A 139 -6.84 -10.49 -2.88
CA HIS A 139 -6.21 -9.19 -3.17
C HIS A 139 -5.54 -9.18 -4.50
N GLY A 140 -5.02 -10.36 -4.88
CA GLY A 140 -4.45 -10.64 -6.18
C GLY A 140 -5.46 -10.62 -7.31
N VAL A 141 -6.59 -11.28 -7.12
CA VAL A 141 -7.66 -11.22 -8.09
C VAL A 141 -8.07 -9.74 -8.27
N THR A 142 -8.24 -9.01 -7.16
CA THR A 142 -8.58 -7.60 -7.25
C THR A 142 -7.62 -6.83 -8.09
N GLU A 143 -6.31 -7.01 -7.80
CA GLU A 143 -5.26 -6.34 -8.62
C GLU A 143 -5.43 -6.59 -10.14
N TYR A 144 -5.71 -7.83 -10.51
CA TYR A 144 -5.92 -8.18 -11.90
C TYR A 144 -7.31 -7.87 -12.47
N THR A 145 -8.22 -7.26 -11.72
CA THR A 145 -9.55 -7.02 -12.25
C THR A 145 -9.93 -5.56 -12.07
N SER A 146 -10.58 -5.20 -10.98
CA SER A 146 -10.86 -3.80 -10.68
C SER A 146 -9.63 -2.95 -10.42
N ASN A 147 -8.61 -3.56 -9.85
CA ASN A 147 -7.42 -2.84 -9.46
C ASN A 147 -7.71 -1.68 -8.51
N LEU A 148 -8.64 -1.89 -7.57
CA LEU A 148 -8.98 -0.92 -6.55
C LEU A 148 -7.74 -0.36 -5.81
N GLU A 149 -7.66 0.97 -5.76
CA GLU A 149 -6.57 1.67 -5.08
C GLU A 149 -6.61 1.29 -3.62
N TYR A 150 -5.51 1.39 -2.93
CA TYR A 150 -5.48 0.94 -1.54
C TYR A 150 -5.73 2.06 -0.50
N TYR A 151 -6.55 3.06 -0.82
CA TYR A 151 -6.80 4.19 0.10
C TYR A 151 -8.24 4.61 0.12
N GLY A 152 -8.69 5.12 1.27
CA GLY A 152 -10.04 5.63 1.49
C GLY A 152 -11.11 4.61 1.12
N GLU A 153 -12.22 5.07 0.51
CA GLU A 153 -13.31 4.16 0.14
C GLU A 153 -12.93 3.04 -0.80
N SER A 154 -12.05 3.35 -1.73
CA SER A 154 -11.57 2.35 -2.69
C SER A 154 -10.86 1.23 -1.97
N GLY A 155 -9.96 1.62 -1.08
CA GLY A 155 -9.19 0.60 -0.37
C GLY A 155 -10.11 -0.20 0.54
N ALA A 156 -11.18 0.44 1.07
CA ALA A 156 -12.13 -0.30 1.91
C ALA A 156 -12.93 -1.33 1.12
N LEU A 157 -13.23 -1.01 -0.15
CA LEU A 157 -13.92 -1.94 -1.00
C LEU A 157 -12.98 -3.13 -1.26
N ASN A 158 -11.71 -2.82 -1.64
CA ASN A 158 -10.64 -3.80 -1.82
C ASN A 158 -10.63 -4.79 -0.65
N GLU A 159 -10.59 -4.29 0.58
CA GLU A 159 -10.62 -5.20 1.74
C GLU A 159 -11.95 -5.97 1.94
N ALA A 160 -13.10 -5.31 1.74
CA ALA A 160 -14.40 -5.94 1.93
C ALA A 160 -14.46 -7.09 0.92
N PHE A 161 -14.03 -6.87 -0.31
CA PHE A 161 -14.12 -7.99 -1.34
C PHE A 161 -13.29 -9.17 -0.90
N SER A 162 -12.12 -8.92 -0.34
CA SER A 162 -11.32 -10.03 0.20
C SER A 162 -11.96 -10.72 1.37
N ASP A 163 -12.70 -10.00 2.16
CA ASP A 163 -13.41 -10.59 3.30
C ASP A 163 -14.59 -11.39 2.78
N VAL A 164 -15.34 -10.85 1.84
CA VAL A 164 -16.50 -11.56 1.28
C VAL A 164 -16.11 -12.92 0.71
N ILE A 165 -15.12 -12.93 -0.16
CA ILE A 165 -14.68 -14.16 -0.78
C ILE A 165 -14.04 -15.08 0.21
N GLY A 166 -13.13 -14.60 1.12
CA GLY A 166 -12.45 -15.47 2.09
C GLY A 166 -13.50 -16.16 2.89
N ASN A 167 -14.45 -15.37 3.38
CA ASN A 167 -15.46 -15.98 4.17
C ASN A 167 -16.33 -16.95 3.43
N ASP A 168 -16.67 -16.62 2.19
CA ASP A 168 -17.53 -17.52 1.43
C ASP A 168 -16.85 -18.87 1.11
N ILE A 169 -15.53 -18.94 1.10
CA ILE A 169 -14.88 -20.19 0.78
C ILE A 169 -15.17 -21.23 1.87
N GLN A 170 -15.04 -20.83 3.13
CA GLN A 170 -15.22 -21.73 4.28
C GLN A 170 -16.71 -21.90 4.67
N ARG A 171 -17.48 -20.83 4.54
CA ARG A 171 -18.84 -20.78 4.98
C ARG A 171 -19.14 -21.39 6.34
N LYS A 172 -18.33 -21.14 7.36
CA LYS A 172 -18.55 -21.72 8.71
C LYS A 172 -19.44 -20.78 9.53
N ASN A 173 -19.39 -19.49 9.26
CA ASN A 173 -20.02 -18.48 10.10
C ASN A 173 -19.80 -17.20 9.29
N TRP A 174 -20.05 -16.04 9.87
CA TRP A 174 -19.93 -14.70 9.30
C TRP A 174 -18.71 -14.02 9.85
N LEU A 175 -17.75 -14.80 10.31
CA LEU A 175 -16.53 -14.24 10.92
C LEU A 175 -15.37 -14.27 9.93
N VAL A 176 -14.38 -13.41 10.18
CA VAL A 176 -13.12 -13.38 9.44
C VAL A 176 -11.98 -13.57 10.48
N GLY A 177 -11.04 -14.46 10.21
CA GLY A 177 -9.86 -14.64 11.04
C GLY A 177 -10.06 -15.43 12.32
N ASP A 178 -11.29 -15.91 12.56
CA ASP A 178 -11.65 -16.58 13.84
C ASP A 178 -10.77 -17.78 14.19
N ASP A 179 -10.25 -18.51 13.21
CA ASP A 179 -9.38 -19.67 13.54
C ASP A 179 -8.01 -19.25 14.08
N ILE A 180 -7.57 -18.03 13.77
CA ILE A 180 -6.18 -17.71 14.05
C ILE A 180 -6.10 -16.63 15.10
N TYR A 181 -7.23 -16.02 15.47
CA TYR A 181 -7.23 -14.91 16.42
C TYR A 181 -7.33 -15.35 17.88
N THR A 182 -6.54 -14.71 18.77
CA THR A 182 -6.62 -14.91 20.26
C THR A 182 -6.92 -16.38 20.63
N PRO A 183 -5.88 -17.22 20.55
CA PRO A 183 -6.03 -18.63 20.91
C PRO A 183 -6.67 -18.90 22.30
N ASN A 184 -6.49 -17.99 23.24
CA ASN A 184 -7.01 -18.17 24.59
C ASN A 184 -8.45 -17.69 24.82
N ILE A 185 -9.15 -17.26 23.77
CA ILE A 185 -10.53 -16.83 23.92
C ILE A 185 -11.33 -17.46 22.80
N ALA A 186 -12.32 -18.33 23.08
CA ALA A 186 -13.15 -18.90 22.00
C ALA A 186 -14.24 -17.93 21.59
N GLY A 187 -14.75 -18.10 20.37
CA GLY A 187 -15.91 -17.40 19.93
C GLY A 187 -15.70 -16.01 19.33
N ASP A 188 -14.48 -15.44 19.43
CA ASP A 188 -14.21 -14.07 18.93
C ASP A 188 -13.55 -14.19 17.58
N ALA A 189 -13.05 -13.07 17.07
CA ALA A 189 -12.72 -12.99 15.68
C ALA A 189 -12.07 -11.66 15.42
N LEU A 190 -11.27 -11.59 14.34
CA LEU A 190 -10.72 -10.33 13.86
C LEU A 190 -11.83 -9.38 13.34
N ARG A 191 -12.71 -9.91 12.49
CA ARG A 191 -13.89 -9.11 12.10
C ARG A 191 -15.12 -9.98 12.09
N SER A 192 -16.28 -9.33 12.26
CA SER A 192 -17.59 -9.93 12.03
C SER A 192 -18.29 -9.25 10.82
N MET A 193 -18.84 -10.01 9.90
CA MET A 193 -19.54 -9.40 8.76
C MET A 193 -20.99 -9.11 9.18
N SER A 194 -21.52 -9.95 10.09
CA SER A 194 -22.95 -9.88 10.51
C SER A 194 -23.15 -8.75 11.50
N ASN A 195 -22.10 -8.46 12.29
CA ASN A 195 -22.14 -7.52 13.36
C ASN A 195 -20.78 -6.76 13.53
N PRO A 196 -20.39 -5.97 12.53
CA PRO A 196 -19.09 -5.35 12.54
C PRO A 196 -18.71 -4.54 13.76
N THR A 197 -19.68 -3.85 14.41
CA THR A 197 -19.36 -2.99 15.54
C THR A 197 -18.84 -3.80 16.77
N LEU A 198 -19.13 -5.09 16.85
CA LEU A 198 -18.54 -5.97 17.84
CA LEU A 198 -18.52 -5.96 17.85
C LEU A 198 -17.01 -5.86 17.89
N TYR A 199 -16.38 -5.62 16.73
CA TYR A 199 -14.89 -5.47 16.60
C TYR A 199 -14.46 -4.10 16.11
N ASP A 200 -15.19 -3.08 16.54
CA ASP A 200 -14.89 -1.68 16.34
C ASP A 200 -14.79 -1.25 14.86
N GLN A 201 -15.55 -1.93 14.00
CA GLN A 201 -15.71 -1.36 12.63
C GLN A 201 -17.06 -0.77 12.46
N PRO A 202 -17.21 0.31 11.66
CA PRO A 202 -18.60 0.83 11.48
C PRO A 202 -19.47 -0.14 10.66
N ASP A 203 -20.80 -0.15 10.82
CA ASP A 203 -21.64 -0.99 9.94
C ASP A 203 -22.67 -0.19 9.17
N HIS A 204 -22.47 1.13 9.16
CA HIS A 204 -23.38 2.14 8.55
C HIS A 204 -22.55 3.34 8.17
N TYR A 205 -22.90 3.96 7.05
CA TYR A 205 -22.10 4.98 6.41
C TYR A 205 -22.06 6.25 7.26
N SER A 206 -23.09 6.49 8.08
CA SER A 206 -23.09 7.64 8.99
C SER A 206 -21.94 7.59 10.03
N ASN A 207 -21.28 6.42 10.18
CA ASN A 207 -20.16 6.24 11.12
C ASN A 207 -18.84 6.02 10.42
N LEU A 208 -18.78 6.33 9.11
CA LEU A 208 -17.55 6.21 8.33
C LEU A 208 -16.34 6.81 9.04
N TYR A 209 -15.23 6.07 9.07
CA TYR A 209 -13.98 6.63 9.56
C TYR A 209 -13.35 7.55 8.50
N THR A 210 -13.07 8.76 8.96
CA THR A 210 -12.57 9.80 8.10
C THR A 210 -11.17 10.29 8.51
N GLY A 211 -10.54 9.57 9.41
CA GLY A 211 -9.13 9.92 9.78
C GLY A 211 -8.09 9.35 8.79
N SER A 212 -6.80 9.59 9.05
CA SER A 212 -5.84 9.20 8.06
C SER A 212 -5.13 7.89 8.35
N SER A 213 -5.25 7.37 9.55
CA SER A 213 -4.61 6.05 9.87
C SER A 213 -5.04 4.98 8.95
N ASP A 214 -4.18 3.97 8.82
CA ASP A 214 -4.57 2.77 8.05
C ASP A 214 -5.05 3.11 6.63
N ASN A 215 -4.29 3.95 5.93
CA ASN A 215 -4.63 4.37 4.56
C ASN A 215 -6.02 4.91 4.43
N GLY A 216 -6.43 5.65 5.45
CA GLY A 216 -7.78 6.25 5.52
C GLY A 216 -8.80 5.19 5.87
N GLY A 217 -8.38 4.24 6.68
CA GLY A 217 -9.31 3.36 7.35
C GLY A 217 -9.82 2.22 6.54
N VAL A 218 -9.00 1.70 5.66
CA VAL A 218 -9.41 0.63 4.71
C VAL A 218 -9.82 -0.62 5.50
N HIS A 219 -9.19 -0.93 6.65
CA HIS A 219 -9.65 -2.13 7.47
C HIS A 219 -10.74 -1.84 8.45
N THR A 220 -11.09 -0.57 8.55
CA THR A 220 -12.16 -0.15 9.44
C THR A 220 -13.42 -0.02 8.59
N ASN A 221 -13.32 0.70 7.45
CA ASN A 221 -14.56 1.03 6.69
C ASN A 221 -15.11 -0.08 5.87
N SER A 222 -14.28 -1.11 5.63
CA SER A 222 -14.78 -2.31 5.02
C SER A 222 -15.97 -2.87 5.80
N GLY A 223 -16.14 -2.55 7.10
CA GLY A 223 -17.26 -3.14 7.81
C GLY A 223 -18.62 -2.72 7.20
N ILE A 224 -18.65 -1.54 6.53
CA ILE A 224 -19.93 -1.10 5.92
C ILE A 224 -20.36 -1.98 4.81
N ILE A 225 -19.41 -2.27 3.96
CA ILE A 225 -19.65 -3.14 2.83
C ILE A 225 -19.88 -4.59 3.29
N ASN A 226 -19.09 -5.06 4.26
CA ASN A 226 -19.36 -6.40 4.77
C ASN A 226 -20.79 -6.51 5.30
N LYS A 227 -21.26 -5.52 6.07
CA LYS A 227 -22.63 -5.49 6.45
C LYS A 227 -23.62 -5.54 5.27
N ALA A 228 -23.39 -4.75 4.22
CA ALA A 228 -24.22 -4.82 3.03
C ALA A 228 -24.28 -6.20 2.44
N TYR A 229 -23.13 -6.89 2.28
CA TYR A 229 -23.10 -8.24 1.79
C TYR A 229 -23.93 -9.20 2.63
N TYR A 230 -23.78 -9.11 3.97
CA TYR A 230 -24.42 -9.99 4.91
C TYR A 230 -25.95 -9.82 4.77
N LEU A 231 -26.37 -8.54 4.74
CA LEU A 231 -27.84 -8.21 4.62
C LEU A 231 -28.41 -8.78 3.31
N LEU A 232 -27.64 -8.68 2.20
CA LEU A 232 -28.11 -9.25 0.96
C LEU A 232 -28.22 -10.78 1.01
N ALA A 233 -27.22 -11.41 1.61
CA ALA A 233 -27.18 -12.86 1.60
C ALA A 233 -28.24 -13.36 2.63
N GLN A 234 -28.17 -12.88 3.85
CA GLN A 234 -29.00 -13.38 4.95
C GLN A 234 -30.39 -12.76 5.06
N GLY A 235 -30.48 -11.48 4.73
CA GLY A 235 -31.72 -10.68 4.96
C GLY A 235 -31.65 -10.04 6.33
N GLY A 236 -32.48 -9.01 6.57
CA GLY A 236 -32.62 -8.50 7.92
C GLY A 236 -33.22 -7.12 7.86
N THR A 237 -33.47 -6.51 9.00
CA THR A 237 -34.00 -5.14 9.01
C THR A 237 -32.99 -4.35 9.72
N PHE A 238 -32.52 -3.26 9.10
CA PHE A 238 -31.43 -2.53 9.72
C PHE A 238 -31.56 -1.02 9.35
N HIS A 239 -31.51 -0.17 10.38
CA HIS A 239 -31.84 1.25 10.21
C HIS A 239 -33.17 1.42 9.53
N GLY A 240 -34.17 0.59 9.87
CA GLY A 240 -35.55 0.77 9.32
C GLY A 240 -35.75 0.19 7.93
N VAL A 241 -34.69 -0.33 7.31
CA VAL A 241 -34.80 -0.78 5.90
C VAL A 241 -34.80 -2.30 5.97
N THR A 242 -35.78 -2.96 5.36
CA THR A 242 -35.81 -4.43 5.34
C THR A 242 -35.23 -4.92 4.04
N VAL A 243 -34.35 -5.90 4.14
CA VAL A 243 -33.71 -6.46 2.96
C VAL A 243 -34.17 -7.92 2.98
N ASN A 244 -34.85 -8.36 1.94
CA ASN A 244 -35.13 -9.78 1.83
C ASN A 244 -33.88 -10.54 1.36
N GLY A 245 -33.38 -11.47 2.17
CA GLY A 245 -32.14 -12.20 1.78
C GLY A 245 -32.28 -13.13 0.60
N ILE A 246 -31.18 -13.29 -0.13
CA ILE A 246 -31.24 -14.02 -1.36
C ILE A 246 -30.28 -15.24 -1.30
N GLY A 247 -29.54 -15.40 -0.20
CA GLY A 247 -28.76 -16.58 0.08
C GLY A 247 -27.36 -16.28 -0.41
N ARG A 248 -26.36 -16.96 0.18
CA ARG A 248 -24.95 -16.72 -0.16
C ARG A 248 -24.60 -16.99 -1.63
N ASP A 249 -25.19 -18.05 -2.20
CA ASP A 249 -24.84 -18.52 -3.54
C ASP A 249 -25.13 -17.43 -4.54
N ALA A 250 -26.33 -16.88 -4.47
CA ALA A 250 -26.69 -15.73 -5.29
C ALA A 250 -25.90 -14.45 -4.95
N ALA A 251 -25.76 -14.13 -3.66
CA ALA A 251 -25.06 -12.89 -3.25
C ALA A 251 -23.61 -12.87 -3.71
N VAL A 252 -22.92 -14.01 -3.62
CA VAL A 252 -21.48 -14.02 -3.95
C VAL A 252 -21.26 -13.90 -5.47
N GLN A 253 -22.16 -14.49 -6.27
CA GLN A 253 -22.12 -14.30 -7.71
C GLN A 253 -22.35 -12.85 -8.07
N ILE A 254 -23.26 -12.19 -7.40
CA ILE A 254 -23.53 -10.78 -7.71
C ILE A 254 -22.28 -9.93 -7.34
N TYR A 255 -21.74 -10.21 -6.18
CA TYR A 255 -20.55 -9.48 -5.73
C TYR A 255 -19.37 -9.74 -6.59
N TYR A 256 -19.16 -11.01 -6.99
CA TYR A 256 -18.02 -11.35 -7.83
C TYR A 256 -18.04 -10.58 -9.15
N SER A 257 -19.16 -10.67 -9.87
CA SER A 257 -19.35 -9.84 -11.01
C SER A 257 -19.20 -8.33 -10.75
N ALA A 258 -19.82 -7.79 -9.70
CA ALA A 258 -19.76 -6.37 -9.49
C ALA A 258 -18.28 -5.94 -9.32
N PHE A 259 -17.51 -6.69 -8.54
CA PHE A 259 -16.18 -6.22 -8.15
C PHE A 259 -15.12 -6.54 -9.19
N THR A 260 -15.38 -7.55 -9.98
CA THR A 260 -14.44 -7.82 -11.04
C THR A 260 -14.81 -7.24 -12.45
N ASN A 261 -16.08 -7.01 -12.73
CA ASN A 261 -16.46 -6.50 -14.07
C ASN A 261 -16.77 -5.03 -14.05
N TYR A 262 -17.36 -4.51 -12.97
CA TYR A 262 -17.86 -3.14 -12.96
C TYR A 262 -17.08 -2.07 -12.25
N LEU A 263 -16.41 -2.40 -11.17
CA LEU A 263 -15.65 -1.44 -10.41
C LEU A 263 -14.28 -1.09 -11.05
N THR A 264 -13.75 0.10 -10.79
CA THR A 264 -12.49 0.50 -11.39
C THR A 264 -11.61 0.96 -10.26
N SER A 265 -10.38 1.37 -10.53
CA SER A 265 -9.44 1.56 -9.46
C SER A 265 -9.81 2.68 -8.55
N SER A 266 -10.66 3.61 -9.02
CA SER A 266 -11.04 4.79 -8.21
CA SER A 266 -11.02 4.79 -8.23
C SER A 266 -12.44 4.71 -7.61
N SER A 267 -13.13 3.60 -7.77
CA SER A 267 -14.50 3.40 -7.27
C SER A 267 -14.65 3.69 -5.81
N ASP A 268 -15.78 4.33 -5.45
CA ASP A 268 -16.11 4.60 -4.06
C ASP A 268 -17.36 3.82 -3.69
N PHE A 269 -17.91 4.01 -2.51
CA PHE A 269 -18.97 3.14 -2.07
C PHE A 269 -20.16 3.32 -2.98
N SER A 270 -20.39 4.55 -3.38
CA SER A 270 -21.50 4.81 -4.25
C SER A 270 -21.40 4.00 -5.58
N ASN A 271 -20.21 3.93 -6.20
CA ASN A 271 -20.05 3.14 -7.38
C ASN A 271 -20.28 1.67 -7.08
N ALA A 272 -19.88 1.24 -5.86
CA ALA A 272 -20.11 -0.19 -5.51
C ALA A 272 -21.63 -0.56 -5.42
N ARG A 273 -22.45 0.34 -4.91
CA ARG A 273 -23.92 0.22 -4.90
C ARG A 273 -24.38 -0.02 -6.32
N ALA A 274 -23.90 0.81 -7.25
CA ALA A 274 -24.36 0.73 -8.62
C ALA A 274 -23.90 -0.57 -9.35
N ALA A 275 -22.67 -1.01 -9.10
CA ALA A 275 -22.08 -2.23 -9.64
C ALA A 275 -22.86 -3.42 -9.12
N VAL A 276 -23.14 -3.42 -7.81
CA VAL A 276 -23.92 -4.51 -7.21
C VAL A 276 -25.32 -4.55 -7.76
N ILE A 277 -26.00 -3.40 -7.84
CA ILE A 277 -27.31 -3.39 -8.51
C ILE A 277 -27.23 -3.86 -9.97
N GLN A 278 -26.20 -3.42 -10.68
CA GLN A 278 -26.07 -3.80 -12.08
C GLN A 278 -25.87 -5.32 -12.24
N ALA A 279 -25.00 -5.89 -11.43
CA ALA A 279 -24.76 -7.32 -11.52
C ALA A 279 -26.01 -8.16 -11.19
N ALA A 280 -26.73 -7.71 -10.15
CA ALA A 280 -28.02 -8.26 -9.75
C ALA A 280 -28.93 -8.26 -11.00
N LYS A 281 -28.94 -7.14 -11.73
CA LYS A 281 -29.84 -7.02 -12.93
C LYS A 281 -29.43 -7.95 -14.06
N ASP A 282 -28.11 -8.01 -14.34
CA ASP A 282 -27.59 -8.97 -15.31
C ASP A 282 -28.04 -10.37 -14.98
N GLN A 283 -27.89 -10.76 -13.74
CA GLN A 283 -27.95 -12.16 -13.42
C GLN A 283 -29.38 -12.60 -13.20
N TYR A 284 -30.26 -11.65 -12.83
CA TYR A 284 -31.63 -11.98 -12.34
C TYR A 284 -32.78 -11.15 -12.95
N GLY A 285 -32.50 -9.96 -13.45
CA GLY A 285 -33.53 -9.22 -14.11
C GLY A 285 -33.68 -7.92 -13.42
N ALA A 286 -33.99 -6.91 -14.22
CA ALA A 286 -34.00 -5.51 -13.73
C ALA A 286 -35.00 -5.27 -12.59
N ASN A 287 -36.03 -6.10 -12.55
CA ASN A 287 -37.09 -5.86 -11.63
C ASN A 287 -37.24 -7.00 -10.64
N SER A 288 -36.21 -7.84 -10.58
CA SER A 288 -36.26 -9.11 -9.87
C SER A 288 -36.14 -8.86 -8.38
N ALA A 289 -36.54 -9.84 -7.58
CA ALA A 289 -36.28 -9.90 -6.14
C ALA A 289 -34.83 -9.58 -5.75
N GLU A 290 -33.90 -10.16 -6.49
CA GLU A 290 -32.47 -9.94 -6.28
C GLU A 290 -32.00 -8.51 -6.57
N ALA A 291 -32.46 -7.90 -7.66
CA ALA A 291 -32.06 -6.52 -7.91
C ALA A 291 -32.71 -5.59 -6.89
N THR A 292 -33.92 -5.92 -6.41
CA THR A 292 -34.48 -5.10 -5.35
C THR A 292 -33.71 -5.27 -4.05
N ALA A 293 -33.40 -6.53 -3.72
CA ALA A 293 -32.59 -6.75 -2.52
C ALA A 293 -31.21 -6.04 -2.58
N ALA A 294 -30.54 -6.00 -3.73
CA ALA A 294 -29.22 -5.35 -3.90
C ALA A 294 -29.36 -3.85 -3.53
N ALA A 295 -30.41 -3.21 -4.04
CA ALA A 295 -30.68 -1.81 -3.68
C ALA A 295 -30.94 -1.59 -2.22
N LYS A 296 -31.86 -2.37 -1.61
CA LYS A 296 -32.17 -2.20 -0.21
C LYS A 296 -30.98 -2.39 0.69
N SER A 297 -30.16 -3.38 0.37
CA SER A 297 -28.98 -3.64 1.17
C SER A 297 -28.06 -2.41 1.33
N PHE A 298 -27.92 -1.61 0.26
CA PHE A 298 -27.14 -0.37 0.30
C PHE A 298 -27.91 0.79 0.98
N ASP A 299 -29.21 0.84 0.71
CA ASP A 299 -30.08 1.76 1.47
C ASP A 299 -29.85 1.59 2.98
N ALA A 300 -29.88 0.31 3.41
CA ALA A 300 -29.86 -0.05 4.85
C ALA A 300 -28.57 0.37 5.49
N VAL A 301 -27.45 0.27 4.78
CA VAL A 301 -26.18 0.72 5.33
C VAL A 301 -25.85 2.20 5.01
N GLY A 302 -26.78 2.91 4.37
CA GLY A 302 -26.67 4.38 4.25
C GLY A 302 -25.80 4.81 3.10
N VAL A 303 -25.66 3.91 2.10
CA VAL A 303 -24.87 4.18 0.89
C VAL A 303 -25.86 4.46 -0.21
N ASN A 304 -25.98 5.71 -0.53
CA ASN A 304 -27.00 6.02 -1.48
C ASN A 304 -26.40 6.25 -2.83
N ALA B 1 -1.29 31.34 -19.14
CA ALA B 1 -1.52 32.59 -18.43
C ALA B 1 -0.60 32.54 -17.20
N THR B 2 -0.38 33.65 -16.50
CA THR B 2 0.48 33.59 -15.29
C THR B 2 -0.26 34.01 -14.09
N GLY B 3 -0.52 33.03 -13.19
CA GLY B 3 -1.13 33.37 -11.94
C GLY B 3 -0.12 33.78 -10.85
N THR B 4 -0.63 34.42 -9.80
CA THR B 4 0.18 34.74 -8.65
C THR B 4 -0.64 34.41 -7.38
N GLY B 5 0.07 34.17 -6.30
CA GLY B 5 -0.61 33.99 -5.01
C GLY B 5 0.40 33.62 -3.94
N LYS B 6 -0.03 33.69 -2.67
CA LYS B 6 0.82 33.35 -1.57
C LYS B 6 0.74 31.86 -1.30
N GLY B 7 1.90 31.29 -0.97
CA GLY B 7 1.97 29.91 -0.48
C GLY B 7 1.61 29.76 1.01
N VAL B 8 1.66 28.53 1.56
CA VAL B 8 1.27 28.24 2.93
C VAL B 8 2.12 29.11 3.90
N LEU B 9 3.38 29.39 3.51
CA LEU B 9 4.27 30.13 4.42
C LEU B 9 4.23 31.65 4.11
N GLY B 10 3.40 32.05 3.17
CA GLY B 10 3.08 33.45 2.99
C GLY B 10 3.94 34.16 1.97
N ASP B 11 4.79 33.42 1.26
CA ASP B 11 5.60 33.95 0.21
C ASP B 11 4.77 34.06 -1.07
N THR B 12 4.83 35.20 -1.74
CA THR B 12 4.20 35.31 -3.09
C THR B 12 4.95 34.65 -4.22
N LYS B 13 4.25 33.90 -5.08
CA LYS B 13 4.99 33.21 -6.12
C LYS B 13 4.21 33.25 -7.39
N SER B 14 4.87 33.01 -8.53
CA SER B 14 4.03 32.83 -9.75
C SER B 14 4.03 31.44 -10.34
N PHE B 15 3.16 31.17 -11.28
CA PHE B 15 3.01 29.78 -11.71
C PHE B 15 2.11 29.89 -12.94
N THR B 16 1.96 28.80 -13.67
CA THR B 16 1.27 28.91 -14.96
C THR B 16 -0.13 28.40 -14.77
N THR B 17 -1.09 29.16 -15.30
CA THR B 17 -2.47 28.77 -15.23
C THR B 17 -3.05 28.74 -16.68
N THR B 18 -4.31 28.39 -16.84
CA THR B 18 -5.00 28.37 -18.15
C THR B 18 -6.32 29.14 -18.04
N ALA B 19 -6.56 30.11 -18.93
CA ALA B 19 -7.84 30.80 -19.05
C ALA B 19 -8.85 29.76 -19.56
N SER B 20 -9.99 29.71 -18.88
CA SER B 20 -11.04 28.73 -19.17
C SER B 20 -12.40 29.25 -18.78
N GLY B 21 -13.40 29.10 -19.67
CA GLY B 21 -14.63 29.89 -19.49
C GLY B 21 -14.22 31.34 -19.30
N SER B 22 -14.83 32.04 -18.30
CA SER B 22 -14.41 33.45 -17.96
C SER B 22 -13.56 33.65 -16.69
N SER B 23 -12.91 32.59 -16.24
CA SER B 23 -11.95 32.68 -15.13
C SER B 23 -10.68 31.87 -15.51
N TYR B 24 -9.97 31.35 -14.48
CA TYR B 24 -8.68 30.72 -14.73
C TYR B 24 -8.63 29.42 -14.03
N GLN B 25 -8.03 28.40 -14.66
CA GLN B 25 -7.89 27.11 -13.89
C GLN B 25 -6.46 26.94 -13.43
N LEU B 26 -6.26 26.20 -12.37
CA LEU B 26 -4.90 25.95 -11.81
C LEU B 26 -4.34 24.76 -12.59
N LYS B 27 -3.96 25.05 -13.83
CA LYS B 27 -3.60 24.00 -14.81
C LYS B 27 -2.54 24.56 -15.69
N ASP B 28 -1.45 23.80 -15.88
CA ASP B 28 -0.23 24.29 -16.54
C ASP B 28 -0.02 23.28 -17.65
N THR B 29 -0.22 23.73 -18.91
CA THR B 29 -0.19 22.75 -19.97
C THR B 29 1.23 22.79 -20.58
N THR B 30 2.15 23.56 -20.01
CA THR B 30 3.47 23.69 -20.59
C THR B 30 4.42 22.54 -20.20
N ARG B 31 4.06 21.77 -19.18
CA ARG B 31 5.01 20.77 -18.68
C ARG B 31 4.49 19.36 -18.89
N GLY B 32 5.16 18.54 -19.69
CA GLY B 32 4.67 17.18 -19.98
C GLY B 32 3.19 17.18 -20.42
N ASN B 33 2.35 16.22 -19.98
CA ASN B 33 0.92 16.35 -20.26
C ASN B 33 0.14 17.26 -19.34
N GLY B 34 0.82 18.09 -18.56
CA GLY B 34 0.15 19.08 -17.74
C GLY B 34 0.54 18.90 -16.28
N VAL B 35 0.34 19.97 -15.51
CA VAL B 35 0.35 19.95 -14.05
C VAL B 35 -1.01 20.53 -13.69
N VAL B 36 -1.86 19.77 -13.01
CA VAL B 36 -3.21 20.18 -12.73
C VAL B 36 -3.53 20.03 -11.27
N THR B 37 -4.03 21.09 -10.66
CA THR B 37 -4.27 21.14 -9.24
C THR B 37 -5.72 21.31 -8.90
N TYR B 38 -6.23 20.32 -8.13
CA TYR B 38 -7.64 20.20 -7.77
C TYR B 38 -7.82 20.50 -6.28
N THR B 39 -9.07 20.82 -5.91
CA THR B 39 -9.49 20.82 -4.53
C THR B 39 -10.50 19.70 -4.26
N ALA B 40 -10.31 19.03 -3.11
CA ALA B 40 -11.27 17.98 -2.68
C ALA B 40 -12.39 18.59 -1.80
N SER B 41 -12.35 19.94 -1.59
CA SER B 41 -13.36 20.64 -0.80
C SER B 41 -13.64 20.02 0.58
N ASN B 42 -12.58 19.56 1.23
CA ASN B 42 -12.64 18.97 2.54
C ASN B 42 -13.47 17.72 2.63
N ARG B 43 -13.73 17.10 1.49
CA ARG B 43 -14.35 15.78 1.46
C ARG B 43 -13.29 14.83 0.96
N GLN B 44 -13.66 13.58 0.74
CA GLN B 44 -12.64 12.62 0.25
C GLN B 44 -12.79 12.00 -1.16
N SER B 45 -13.55 12.61 -2.06
CA SER B 45 -13.49 12.21 -3.48
C SER B 45 -12.28 12.79 -4.18
N ILE B 46 -11.51 11.92 -4.83
CA ILE B 46 -10.38 12.38 -5.58
C ILE B 46 -10.55 12.11 -7.09
N PRO B 47 -10.07 13.03 -7.97
CA PRO B 47 -9.28 14.25 -7.67
C PRO B 47 -10.08 15.45 -7.09
N GLY B 48 -11.41 15.39 -7.18
CA GLY B 48 -12.22 16.52 -6.70
C GLY B 48 -12.45 17.44 -7.90
N THR B 49 -12.41 18.74 -7.74
CA THR B 49 -12.59 19.66 -8.93
C THR B 49 -11.35 20.56 -9.14
N ILE B 50 -11.05 20.89 -10.40
CA ILE B 50 -9.87 21.73 -10.73
C ILE B 50 -10.11 23.04 -10.02
N LEU B 51 -9.08 23.60 -9.35
CA LEU B 51 -9.24 24.90 -8.71
C LEU B 51 -9.35 26.03 -9.78
N THR B 52 -10.25 26.99 -9.47
CA THR B 52 -10.41 28.14 -10.34
C THR B 52 -10.36 29.43 -9.56
N ASP B 53 -10.06 30.51 -10.28
CA ASP B 53 -9.96 31.83 -9.77
C ASP B 53 -10.36 32.82 -10.89
N ALA B 54 -11.15 33.81 -10.49
CA ALA B 54 -11.75 34.78 -11.41
C ALA B 54 -10.71 35.69 -12.06
N ASP B 55 -9.72 36.14 -11.30
CA ASP B 55 -8.75 37.19 -11.76
C ASP B 55 -7.27 36.76 -11.81
N ASN B 56 -6.99 35.51 -11.46
CA ASN B 56 -5.63 34.99 -11.52
C ASN B 56 -4.69 35.58 -10.44
N VAL B 57 -5.24 36.26 -9.41
CA VAL B 57 -4.54 36.45 -8.13
C VAL B 57 -5.15 35.46 -7.15
N TRP B 58 -4.37 34.48 -6.73
CA TRP B 58 -4.96 33.25 -6.14
C TRP B 58 -4.97 33.29 -4.67
N ASN B 59 -6.07 32.83 -4.04
CA ASN B 59 -6.17 32.82 -2.56
C ASN B 59 -6.50 31.43 -2.07
N ASP B 60 -5.49 30.58 -2.04
CA ASP B 60 -5.62 29.20 -1.63
C ASP B 60 -4.16 28.77 -1.46
N PRO B 61 -3.59 29.02 -0.30
CA PRO B 61 -2.15 28.75 -0.13
C PRO B 61 -1.75 27.29 -0.38
N ALA B 62 -2.55 26.34 0.12
CA ALA B 62 -2.27 24.91 -0.18
C ALA B 62 -2.26 24.58 -1.66
N GLY B 63 -3.27 25.07 -2.35
CA GLY B 63 -3.33 24.98 -3.80
C GLY B 63 -2.15 25.62 -4.53
N VAL B 64 -1.79 26.84 -4.16
CA VAL B 64 -0.67 27.55 -4.85
C VAL B 64 0.65 26.73 -4.72
N ASP B 65 0.94 26.23 -3.52
CA ASP B 65 2.17 25.49 -3.31
C ASP B 65 2.12 24.08 -3.91
N ALA B 66 0.98 23.41 -3.90
CA ALA B 66 0.90 22.07 -4.54
C ALA B 66 1.16 22.21 -6.05
N HIS B 67 0.60 23.28 -6.62
CA HIS B 67 0.77 23.54 -8.06
C HIS B 67 2.17 23.96 -8.39
N THR B 68 2.68 24.99 -7.69
CA THR B 68 4.00 25.57 -7.91
C THR B 68 5.05 24.52 -7.63
N TYR B 69 4.98 23.83 -6.50
CA TYR B 69 5.93 22.82 -6.21
C TYR B 69 5.83 21.57 -7.03
N ALA B 70 4.64 21.14 -7.51
CA ALA B 70 4.56 20.09 -8.55
C ALA B 70 5.34 20.53 -9.80
N ALA B 71 5.18 21.79 -10.21
CA ALA B 71 5.82 22.28 -11.41
C ALA B 71 7.36 22.34 -11.14
N LYS B 72 7.79 22.83 -9.96
CA LYS B 72 9.21 22.88 -9.63
C LYS B 72 9.78 21.47 -9.59
N THR B 73 8.99 20.48 -9.22
CA THR B 73 9.53 19.10 -9.12
C THR B 73 9.70 18.53 -10.47
N TYR B 74 8.69 18.79 -11.34
CA TYR B 74 8.80 18.44 -12.77
C TYR B 74 10.09 18.95 -13.37
N ASP B 75 10.36 20.25 -13.22
CA ASP B 75 11.57 20.86 -13.81
C ASP B 75 12.90 20.34 -13.25
N TYR B 76 12.86 20.03 -11.96
CA TYR B 76 14.01 19.44 -11.26
C TYR B 76 14.34 18.06 -11.79
N TYR B 77 13.36 17.15 -11.93
CA TYR B 77 13.61 15.81 -12.55
C TYR B 77 14.14 15.99 -13.97
N LYS B 78 13.58 16.90 -14.77
CA LYS B 78 14.10 17.14 -16.15
C LYS B 78 15.53 17.64 -16.17
N ALA B 79 15.82 18.61 -15.31
CA ALA B 79 17.09 19.27 -15.33
C ALA B 79 18.17 18.41 -14.71
N LYS B 80 17.84 17.66 -13.67
CA LYS B 80 18.90 16.97 -12.94
C LYS B 80 19.12 15.64 -13.52
N PHE B 81 18.07 15.04 -14.11
CA PHE B 81 18.14 13.64 -14.46
C PHE B 81 17.64 13.34 -15.88
N GLY B 82 17.17 14.37 -16.58
CA GLY B 82 16.61 14.25 -17.95
C GLY B 82 15.28 13.56 -17.96
N ARG B 83 14.67 13.21 -16.81
CA ARG B 83 13.43 12.48 -16.79
C ARG B 83 12.21 13.36 -17.10
N ASN B 84 11.31 12.93 -17.98
CA ASN B 84 10.09 13.71 -18.22
C ASN B 84 8.94 13.19 -17.39
N SER B 85 8.66 13.85 -16.28
CA SER B 85 7.62 13.44 -15.34
C SER B 85 7.87 12.12 -14.68
N ILE B 86 6.82 11.62 -14.03
CA ILE B 86 6.90 10.48 -13.11
C ILE B 86 7.17 9.18 -13.85
N ASP B 87 6.50 9.00 -14.97
CA ASP B 87 6.69 7.79 -15.72
C ASP B 87 7.80 7.97 -16.78
N GLY B 88 8.34 9.17 -16.94
CA GLY B 88 9.36 9.41 -17.91
C GLY B 88 8.72 9.56 -19.30
N ARG B 89 7.41 9.48 -19.37
CA ARG B 89 6.69 9.68 -20.64
C ARG B 89 5.73 10.88 -20.53
N GLY B 90 6.06 11.82 -19.66
CA GLY B 90 5.21 12.98 -19.53
C GLY B 90 3.83 12.76 -18.86
N LEU B 91 3.66 11.76 -17.98
CA LEU B 91 2.38 11.63 -17.27
C LEU B 91 1.88 12.96 -16.67
N GLN B 92 0.60 13.25 -16.91
CA GLN B 92 -0.01 14.46 -16.28
C GLN B 92 0.24 14.46 -14.78
N LEU B 93 0.76 15.56 -14.21
CA LEU B 93 0.84 15.63 -12.68
C LEU B 93 -0.39 16.21 -12.04
N ARG B 94 -1.16 15.38 -11.34
CA ARG B 94 -2.40 15.86 -10.67
C ARG B 94 -2.15 15.93 -9.21
N SER B 95 -2.54 17.04 -8.57
CA SER B 95 -2.47 17.16 -7.13
C SER B 95 -3.84 17.57 -6.64
N THR B 96 -4.21 16.96 -5.53
CA THR B 96 -5.39 17.40 -4.81
C THR B 96 -5.07 17.96 -3.39
N VAL B 97 -5.57 19.17 -3.14
CA VAL B 97 -5.48 19.76 -1.81
C VAL B 97 -6.84 19.80 -1.17
N HIS B 98 -6.82 20.12 0.14
CA HIS B 98 -7.99 20.18 1.05
C HIS B 98 -8.67 18.86 0.98
N TYR B 99 -7.85 17.79 0.97
CA TYR B 99 -8.42 16.46 1.04
C TYR B 99 -8.86 16.15 2.50
N GLY B 100 -10.15 15.83 2.73
CA GLY B 100 -10.68 15.46 4.01
C GLY B 100 -10.72 16.65 4.95
N SER B 101 -10.96 16.33 6.22
CA SER B 101 -11.09 17.36 7.20
C SER B 101 -10.07 17.17 8.31
N ARG B 102 -9.27 18.21 8.57
CA ARG B 102 -8.15 18.08 9.53
C ARG B 102 -7.31 16.81 9.32
N TYR B 103 -7.20 16.44 8.06
CA TYR B 103 -6.55 15.21 7.63
C TYR B 103 -5.04 15.30 7.81
N ASN B 104 -4.52 14.33 8.56
CA ASN B 104 -3.15 14.44 9.00
C ASN B 104 -2.13 13.63 8.23
N ASN B 105 -2.29 13.51 6.90
CA ASN B 105 -1.29 12.90 6.01
C ASN B 105 -1.42 13.36 4.55
N ALA B 106 -0.45 12.95 3.74
CA ALA B 106 -0.37 13.16 2.33
C ALA B 106 0.16 11.86 1.73
N PHE B 107 -0.19 11.61 0.47
CA PHE B 107 0.11 10.31 -0.09
C PHE B 107 0.00 10.28 -1.59
N TRP B 108 0.77 9.36 -2.16
CA TRP B 108 0.67 8.99 -3.57
C TRP B 108 -0.21 7.76 -3.64
N ASN B 109 -1.21 7.78 -4.52
CA ASN B 109 -2.13 6.61 -4.62
C ASN B 109 -2.04 5.74 -5.88
N GLY B 110 -0.99 5.90 -6.67
CA GLY B 110 -0.81 5.17 -7.94
C GLY B 110 -1.17 6.02 -9.15
N SER B 111 -1.84 7.14 -8.91
CA SER B 111 -2.16 8.04 -10.01
CA SER B 111 -2.23 8.05 -9.99
C SER B 111 -1.86 9.52 -9.81
N GLN B 112 -1.90 9.99 -8.56
CA GLN B 112 -1.76 11.42 -8.25
C GLN B 112 -1.29 11.61 -6.79
N MET B 113 -0.94 12.86 -6.46
CA MET B 113 -0.56 13.23 -5.09
C MET B 113 -1.75 13.89 -4.40
N THR B 114 -1.97 13.50 -3.13
CA THR B 114 -3.13 14.03 -2.30
C THR B 114 -2.64 14.60 -0.94
N TYR B 115 -3.10 15.79 -0.60
CA TYR B 115 -2.56 16.41 0.59
C TYR B 115 -3.73 16.81 1.53
N GLY B 116 -3.72 16.29 2.77
CA GLY B 116 -4.59 16.84 3.80
C GLY B 116 -4.18 18.27 4.13
N ASP B 117 -5.05 18.93 4.86
CA ASP B 117 -4.71 20.23 5.46
C ASP B 117 -3.95 20.16 6.76
N GLY B 118 -3.83 18.95 7.33
CA GLY B 118 -3.36 18.84 8.72
C GLY B 118 -4.39 19.23 9.77
N ASP B 119 -4.08 18.92 11.02
CA ASP B 119 -5.03 19.30 12.02
C ASP B 119 -4.74 20.71 12.59
N GLY B 120 -3.71 21.40 12.09
CA GLY B 120 -3.44 22.74 12.53
C GLY B 120 -2.46 22.84 13.71
N SER B 121 -2.24 21.74 14.44
CA SER B 121 -1.34 21.72 15.60
CA SER B 121 -1.32 21.74 15.58
C SER B 121 -0.11 20.82 15.32
N THR B 122 -0.34 19.55 14.97
CA THR B 122 0.82 18.68 14.55
C THR B 122 1.33 19.04 13.13
N PHE B 123 0.38 19.42 12.28
CA PHE B 123 0.68 19.70 10.88
C PHE B 123 -0.19 20.84 10.39
N ILE B 124 0.38 21.60 9.47
CA ILE B 124 -0.39 22.50 8.59
C ILE B 124 -0.41 21.94 7.14
N ALA B 125 -0.92 22.65 6.13
CA ALA B 125 -1.15 21.97 4.87
C ALA B 125 0.10 21.31 4.23
N PHE B 126 0.01 20.04 3.81
CA PHE B 126 1.20 19.24 3.46
C PHE B 126 1.99 19.74 2.27
N SER B 127 1.29 20.42 1.37
CA SER B 127 1.88 20.86 0.15
C SER B 127 2.80 22.05 0.44
N GLY B 128 2.81 22.54 1.67
CA GLY B 128 3.56 23.74 2.01
C GLY B 128 5.09 23.56 2.18
N ASP B 129 5.57 22.32 2.13
CA ASP B 129 7.05 22.05 2.14
C ASP B 129 7.38 21.42 0.80
N PRO B 130 8.32 22.05 0.01
CA PRO B 130 8.64 21.42 -1.24
C PRO B 130 9.20 20.04 -1.09
N ASP B 131 9.86 19.70 0.02
CA ASP B 131 10.28 18.31 0.26
C ASP B 131 9.19 17.30 0.43
N VAL B 132 8.00 17.71 0.90
CA VAL B 132 6.85 16.84 1.03
C VAL B 132 6.25 16.63 -0.35
N VAL B 133 6.18 17.68 -1.18
CA VAL B 133 5.72 17.47 -2.58
C VAL B 133 6.70 16.48 -3.32
N GLY B 134 8.02 16.69 -3.15
CA GLY B 134 9.04 15.86 -3.77
C GLY B 134 8.86 14.46 -3.27
N HIS B 135 8.66 14.25 -1.96
CA HIS B 135 8.48 12.96 -1.33
C HIS B 135 7.29 12.25 -2.01
N GLU B 136 6.15 12.93 -2.13
CA GLU B 136 4.99 12.21 -2.70
C GLU B 136 5.15 11.81 -4.18
N LEU B 137 5.66 12.74 -4.98
CA LEU B 137 5.81 12.53 -6.42
C LEU B 137 6.89 11.47 -6.57
N THR B 138 7.84 11.39 -5.63
CA THR B 138 8.93 10.41 -5.81
C THR B 138 8.39 9.02 -5.55
N HIS B 139 7.33 8.87 -4.80
CA HIS B 139 6.66 7.56 -4.66
C HIS B 139 6.16 7.13 -6.05
N GLY B 140 5.74 8.08 -6.92
CA GLY B 140 5.26 7.75 -8.27
C GLY B 140 6.45 7.32 -9.08
N VAL B 141 7.55 8.06 -8.97
CA VAL B 141 8.78 7.69 -9.74
C VAL B 141 9.23 6.28 -9.37
N THR B 142 9.30 5.97 -8.09
CA THR B 142 9.64 4.61 -7.63
C THR B 142 8.63 3.59 -8.17
N GLU B 143 7.34 3.88 -8.06
CA GLU B 143 6.41 2.97 -8.69
C GLU B 143 6.71 2.68 -10.16
N TYR B 144 7.13 3.65 -10.94
CA TYR B 144 7.44 3.37 -12.29
C TYR B 144 8.85 2.88 -12.59
N THR B 145 9.70 2.60 -11.60
CA THR B 145 11.08 2.25 -11.91
C THR B 145 11.39 1.00 -11.07
N SER B 146 11.93 1.10 -9.84
CA SER B 146 12.23 -0.12 -9.03
C SER B 146 11.01 -0.87 -8.63
N ASN B 147 9.91 -0.13 -8.47
CA ASN B 147 8.66 -0.67 -8.00
C ASN B 147 8.81 -1.35 -6.62
N LEU B 148 9.62 -0.75 -5.68
CA LEU B 148 9.85 -1.24 -4.35
C LEU B 148 8.50 -1.41 -3.66
N GLU B 149 8.32 -2.55 -3.00
CA GLU B 149 7.17 -2.87 -2.15
C GLU B 149 6.99 -1.87 -1.00
N TYR B 150 5.81 -1.92 -0.36
CA TYR B 150 5.41 -0.96 0.67
C TYR B 150 5.58 -1.61 2.04
N TYR B 151 6.45 -2.63 2.12
CA TYR B 151 6.66 -3.26 3.47
C TYR B 151 8.10 -3.70 3.69
N GLY B 152 8.47 -3.99 4.92
CA GLY B 152 9.84 -4.51 5.20
C GLY B 152 10.92 -3.53 4.80
N GLU B 153 12.12 -4.03 4.52
CA GLU B 153 13.25 -3.22 4.11
C GLU B 153 12.97 -2.61 2.75
N SER B 154 12.25 -3.30 1.85
CA SER B 154 11.98 -2.70 0.53
CA SER B 154 12.02 -2.68 0.53
C SER B 154 11.16 -1.42 0.69
N GLY B 155 10.21 -1.41 1.61
CA GLY B 155 9.36 -0.25 1.75
C GLY B 155 10.10 0.88 2.51
N ALA B 156 11.10 0.53 3.34
CA ALA B 156 11.98 1.54 3.98
C ALA B 156 12.84 2.12 2.91
N LEU B 157 13.27 1.33 1.92
CA LEU B 157 14.05 1.91 0.81
C LEU B 157 13.17 2.89 -0.04
N ASN B 158 11.92 2.46 -0.26
CA ASN B 158 10.92 3.29 -0.97
C ASN B 158 10.81 4.62 -0.20
N GLU B 159 10.63 4.57 1.15
CA GLU B 159 10.51 5.75 1.98
CA GLU B 159 10.52 5.75 1.99
C GLU B 159 11.80 6.61 1.97
N ALA B 160 12.96 5.98 2.16
CA ALA B 160 14.20 6.76 2.08
C ALA B 160 14.42 7.50 0.73
N PHE B 161 14.13 6.83 -0.36
CA PHE B 161 14.32 7.43 -1.68
C PHE B 161 13.52 8.72 -1.84
N SER B 162 12.23 8.70 -1.45
CA SER B 162 11.38 9.88 -1.40
C SER B 162 11.93 10.98 -0.44
N ASP B 163 12.49 10.57 0.74
CA ASP B 163 13.11 11.55 1.60
C ASP B 163 14.33 12.20 0.90
N VAL B 164 15.17 11.36 0.30
CA VAL B 164 16.47 11.81 -0.31
C VAL B 164 16.14 12.76 -1.45
N ILE B 165 15.19 12.35 -2.29
CA ILE B 165 14.83 13.25 -3.40
C ILE B 165 14.17 14.56 -2.97
N GLY B 166 13.14 14.43 -2.14
CA GLY B 166 12.42 15.59 -1.54
C GLY B 166 13.39 16.58 -0.91
N ASN B 167 14.27 16.08 -0.04
CA ASN B 167 15.20 16.95 0.63
C ASN B 167 16.15 17.61 -0.39
N ASP B 168 16.56 16.89 -1.41
CA ASP B 168 17.51 17.41 -2.44
C ASP B 168 16.93 18.56 -3.30
N ILE B 169 15.59 18.66 -3.36
CA ILE B 169 14.95 19.72 -4.16
C ILE B 169 15.14 21.10 -3.58
N GLN B 170 15.03 21.16 -2.29
CA GLN B 170 15.06 22.36 -1.56
C GLN B 170 16.51 22.66 -1.16
N ARG B 171 17.26 21.64 -0.74
CA ARG B 171 18.62 21.82 -0.14
C ARG B 171 18.75 22.98 0.85
N LYS B 172 17.74 23.12 1.65
CA LYS B 172 17.68 24.11 2.67
C LYS B 172 18.45 23.57 3.88
N ASN B 173 18.30 22.27 4.22
CA ASN B 173 18.91 21.71 5.45
C ASN B 173 18.89 20.17 5.31
N TRP B 174 19.05 19.48 6.44
CA TRP B 174 18.97 17.99 6.36
C TRP B 174 17.67 17.39 6.89
N LEU B 175 16.64 18.24 6.93
CA LEU B 175 15.35 17.88 7.58
C LEU B 175 14.30 17.49 6.48
N VAL B 176 13.24 16.77 6.87
CA VAL B 176 12.09 16.51 5.98
C VAL B 176 10.86 17.04 6.74
N GLY B 177 9.94 17.73 6.04
CA GLY B 177 8.64 18.17 6.60
C GLY B 177 8.75 19.33 7.61
N ASP B 178 9.92 19.95 7.70
CA ASP B 178 10.13 21.02 8.68
C ASP B 178 9.21 22.26 8.46
N ASP B 179 8.78 22.54 7.23
CA ASP B 179 7.98 23.76 6.94
C ASP B 179 6.57 23.54 7.38
N ILE B 180 6.16 22.26 7.43
CA ILE B 180 4.74 21.99 7.74
C ILE B 180 4.44 21.36 9.10
N TYR B 181 5.48 21.01 9.79
CA TYR B 181 5.33 20.21 11.03
C TYR B 181 5.33 21.18 12.22
N THR B 182 4.37 21.01 13.13
CA THR B 182 4.33 21.78 14.40
C THR B 182 4.54 23.29 14.26
N PRO B 183 3.53 24.03 13.74
CA PRO B 183 3.60 25.49 13.56
C PRO B 183 4.08 26.24 14.75
N ASN B 184 3.84 25.71 15.92
CA ASN B 184 4.21 26.46 17.07
CA ASN B 184 4.15 26.34 17.17
C ASN B 184 5.57 26.09 17.64
N ILE B 185 6.27 25.13 16.99
CA ILE B 185 7.62 24.76 17.47
C ILE B 185 8.61 25.05 16.37
N ALA B 186 9.57 25.94 16.63
CA ALA B 186 10.49 26.35 15.56
C ALA B 186 11.67 25.39 15.62
N GLY B 187 12.21 25.05 14.46
CA GLY B 187 13.47 24.31 14.44
C GLY B 187 13.36 22.79 14.50
N ASP B 188 12.16 22.23 14.67
CA ASP B 188 12.00 20.79 14.66
C ASP B 188 11.61 20.35 13.24
N ALA B 189 11.40 19.04 13.05
CA ALA B 189 11.00 18.46 11.79
C ALA B 189 10.31 17.11 12.01
N LEU B 190 9.66 16.59 10.95
CA LEU B 190 9.18 15.22 10.95
C LEU B 190 10.30 14.17 11.01
N ARG B 191 11.35 14.33 10.21
CA ARG B 191 12.57 13.41 10.16
C ARG B 191 13.85 14.27 10.04
N SER B 192 14.98 13.71 10.46
CA SER B 192 16.23 14.33 10.19
C SER B 192 17.07 13.30 9.51
N MET B 193 17.68 13.63 8.36
CA MET B 193 18.57 12.72 7.66
C MET B 193 19.92 12.68 8.33
N SER B 194 20.38 13.81 8.91
CA SER B 194 21.74 13.85 9.50
C SER B 194 21.78 13.16 10.83
N ASN B 195 20.66 13.19 11.54
CA ASN B 195 20.56 12.65 12.91
C ASN B 195 19.22 11.96 13.13
N PRO B 196 18.99 10.78 12.54
CA PRO B 196 17.60 10.26 12.57
C PRO B 196 17.01 9.97 13.93
N THR B 197 17.86 9.61 14.88
CA THR B 197 17.39 9.40 16.25
C THR B 197 16.74 10.57 16.96
N LEU B 198 17.00 11.77 16.49
CA LEU B 198 16.34 12.95 17.02
C LEU B 198 14.81 12.77 17.04
N TYR B 199 14.24 12.07 16.04
CA TYR B 199 12.79 11.99 15.85
C TYR B 199 12.45 10.52 15.79
N ASP B 200 13.12 9.75 16.65
CA ASP B 200 12.86 8.33 16.91
C ASP B 200 12.97 7.41 15.71
N GLN B 201 13.94 7.61 14.84
CA GLN B 201 14.21 6.62 13.84
C GLN B 201 15.60 6.07 14.14
N PRO B 202 15.87 4.78 13.77
CA PRO B 202 17.22 4.22 13.93
C PRO B 202 18.16 4.85 12.91
N ASP B 203 19.45 4.93 13.25
CA ASP B 203 20.42 5.41 12.31
C ASP B 203 21.47 4.32 12.05
N HIS B 204 21.22 3.12 12.61
CA HIS B 204 22.15 2.02 12.35
C HIS B 204 21.38 0.72 12.31
N TYR B 205 21.86 -0.19 11.46
CA TYR B 205 21.20 -1.47 11.12
C TYR B 205 20.99 -2.34 12.38
N SER B 206 21.92 -2.27 13.32
CA SER B 206 21.76 -3.01 14.56
C SER B 206 20.46 -2.59 15.29
N ASN B 207 19.85 -1.46 14.92
CA ASN B 207 18.65 -1.06 15.61
C ASN B 207 17.44 -1.08 14.75
N LEU B 208 17.53 -1.85 13.67
CA LEU B 208 16.39 -2.09 12.78
C LEU B 208 15.14 -2.53 13.56
N TYR B 209 14.00 -1.91 13.27
CA TYR B 209 12.72 -2.43 13.71
C TYR B 209 12.25 -3.68 12.93
N THR B 210 11.86 -4.76 13.66
CA THR B 210 11.45 -5.99 12.92
C THR B 210 10.01 -6.42 13.28
N GLY B 211 9.25 -5.52 13.92
CA GLY B 211 7.84 -5.87 14.16
C GLY B 211 6.92 -5.62 12.94
N SER B 212 5.61 -5.79 13.13
CA SER B 212 4.71 -5.64 11.96
C SER B 212 4.05 -4.28 11.81
N SER B 213 4.21 -3.41 12.78
CA SER B 213 3.53 -2.11 12.73
C SER B 213 4.07 -1.37 11.55
N ASP B 214 3.23 -0.53 10.95
CA ASP B 214 3.65 0.37 9.85
C ASP B 214 4.25 -0.41 8.68
N ASN B 215 3.60 -1.52 8.32
CA ASN B 215 4.07 -2.46 7.33
C ASN B 215 5.51 -2.91 7.54
N GLY B 216 5.92 -3.26 8.75
CA GLY B 216 7.34 -3.68 8.98
C GLY B 216 8.28 -2.49 9.24
N GLY B 217 7.69 -1.38 9.66
CA GLY B 217 8.45 -0.18 10.11
C GLY B 217 8.98 0.69 8.97
N VAL B 218 8.23 0.75 7.86
CA VAL B 218 8.76 1.37 6.59
C VAL B 218 9.12 2.81 6.84
N HIS B 219 8.41 3.54 7.73
CA HIS B 219 8.78 4.96 8.02
C HIS B 219 9.78 5.15 9.16
N THR B 220 10.15 4.06 9.78
CA THR B 220 10.99 4.12 10.94
C THR B 220 12.37 3.74 10.45
N ASN B 221 12.46 2.63 9.70
CA ASN B 221 13.76 2.09 9.26
C ASN B 221 14.42 2.84 8.13
N SER B 222 13.61 3.62 7.39
CA SER B 222 14.22 4.55 6.45
C SER B 222 15.30 5.45 7.04
N GLY B 223 15.29 5.68 8.36
CA GLY B 223 16.37 6.47 8.97
C GLY B 223 17.76 5.91 8.64
N ILE B 224 17.89 4.56 8.52
CA ILE B 224 19.19 3.98 8.32
C ILE B 224 19.74 4.37 6.95
N ILE B 225 18.88 4.37 5.93
CA ILE B 225 19.32 4.66 4.60
C ILE B 225 19.56 6.16 4.41
N ASN B 226 18.67 6.99 4.99
CA ASN B 226 18.85 8.41 5.04
C ASN B 226 20.19 8.82 5.65
N LYS B 227 20.60 8.13 6.69
CA LYS B 227 21.87 8.36 7.34
C LYS B 227 23.01 7.99 6.43
N ALA B 228 22.83 6.91 5.65
CA ALA B 228 23.87 6.44 4.75
C ALA B 228 24.02 7.50 3.64
N TYR B 229 22.88 8.03 3.17
CA TYR B 229 22.89 9.02 2.10
C TYR B 229 23.65 10.25 2.65
N TYR B 230 23.23 10.70 3.84
CA TYR B 230 23.85 11.86 4.49
C TYR B 230 25.38 11.68 4.61
N LEU B 231 25.79 10.50 5.10
CA LEU B 231 27.22 10.26 5.20
C LEU B 231 27.90 10.23 3.79
N LEU B 232 27.26 9.70 2.76
CA LEU B 232 27.89 9.74 1.42
C LEU B 232 28.11 11.22 0.96
N ALA B 233 27.09 12.04 1.17
CA ALA B 233 27.07 13.44 0.74
C ALA B 233 28.01 14.34 1.54
N GLN B 234 27.80 14.38 2.86
CA GLN B 234 28.49 15.19 3.79
C GLN B 234 29.78 14.64 4.35
N GLY B 235 29.86 13.32 4.52
CA GLY B 235 31.04 12.72 5.16
C GLY B 235 30.88 12.76 6.63
N GLY B 236 31.75 12.06 7.34
CA GLY B 236 31.52 12.00 8.80
C GLY B 236 32.16 10.73 9.36
N THR B 237 32.31 10.68 10.67
CA THR B 237 32.79 9.51 11.35
C THR B 237 31.62 8.94 12.18
N PHE B 238 31.30 7.67 11.98
CA PHE B 238 30.12 7.08 12.55
C PHE B 238 30.40 5.60 12.81
N HIS B 239 30.15 5.14 14.04
CA HIS B 239 30.46 3.75 14.42
C HIS B 239 31.85 3.37 14.04
N GLY B 240 32.78 4.32 14.22
CA GLY B 240 34.19 4.09 13.87
C GLY B 240 34.66 4.14 12.42
N VAL B 241 33.73 4.30 11.47
CA VAL B 241 34.05 4.39 10.09
C VAL B 241 34.07 5.85 9.69
N THR B 242 35.15 6.27 9.04
CA THR B 242 35.22 7.59 8.46
C THR B 242 34.85 7.54 6.99
N VAL B 243 34.00 8.48 6.61
CA VAL B 243 33.43 8.51 5.26
C VAL B 243 33.84 9.86 4.75
N ASN B 244 34.56 9.89 3.65
CA ASN B 244 34.91 11.16 3.04
C ASN B 244 33.76 11.60 2.12
N GLY B 245 33.17 12.77 2.39
CA GLY B 245 31.89 13.09 1.72
C GLY B 245 32.19 13.40 0.28
N ILE B 246 31.22 13.19 -0.59
CA ILE B 246 31.34 13.47 -2.04
C ILE B 246 30.46 14.61 -2.56
N GLY B 247 29.68 15.27 -1.72
CA GLY B 247 28.80 16.40 -2.15
C GLY B 247 27.40 15.88 -2.49
N ARG B 248 26.35 16.67 -2.24
CA ARG B 248 25.00 16.33 -2.61
C ARG B 248 24.85 16.07 -4.11
N ASP B 249 25.60 16.81 -4.97
CA ASP B 249 25.45 16.65 -6.44
C ASP B 249 25.79 15.23 -6.89
N ALA B 250 26.93 14.70 -6.45
CA ALA B 250 27.37 13.37 -6.82
C ALA B 250 26.53 12.33 -6.14
N ALA B 251 26.21 12.55 -4.85
CA ALA B 251 25.50 11.54 -4.07
C ALA B 251 24.09 11.34 -4.64
N VAL B 252 23.50 12.45 -5.14
CA VAL B 252 22.07 12.31 -5.55
C VAL B 252 22.02 11.64 -6.91
N GLN B 253 22.98 11.91 -7.78
CA GLN B 253 23.13 11.18 -9.09
C GLN B 253 23.35 9.64 -8.91
N ILE B 254 24.21 9.29 -7.97
CA ILE B 254 24.43 7.90 -7.56
C ILE B 254 23.19 7.24 -6.98
N TYR B 255 22.49 7.91 -6.08
CA TYR B 255 21.24 7.33 -5.56
C TYR B 255 20.23 7.28 -6.67
N TYR B 256 20.03 8.36 -7.39
CA TYR B 256 19.05 8.24 -8.52
C TYR B 256 19.28 6.99 -9.43
N SER B 257 20.50 6.83 -9.97
CA SER B 257 20.78 5.68 -10.78
C SER B 257 20.57 4.37 -10.00
N ALA B 258 21.07 4.31 -8.79
CA ALA B 258 20.93 3.09 -8.06
C ALA B 258 19.46 2.70 -7.91
N PHE B 259 18.57 3.64 -7.67
CA PHE B 259 17.21 3.31 -7.27
C PHE B 259 16.37 3.10 -8.53
N THR B 260 16.72 3.73 -9.62
CA THR B 260 15.88 3.57 -10.77
C THR B 260 16.40 2.56 -11.80
N ASN B 261 17.67 2.13 -11.67
CA ASN B 261 18.26 1.19 -12.60
C ASN B 261 18.51 -0.17 -11.99
N TYR B 262 18.95 -0.17 -10.75
CA TYR B 262 19.53 -1.39 -10.24
C TYR B 262 18.61 -2.12 -9.23
N LEU B 263 17.74 -1.40 -8.50
CA LEU B 263 16.92 -2.05 -7.50
C LEU B 263 15.67 -2.64 -8.12
N THR B 264 15.09 -3.64 -7.46
CA THR B 264 13.90 -4.25 -8.00
C THR B 264 12.94 -4.23 -6.87
N SER B 265 11.72 -4.68 -7.12
CA SER B 265 10.69 -4.54 -6.14
C SER B 265 10.94 -5.24 -4.80
N SER B 266 11.76 -6.31 -4.79
CA SER B 266 12.10 -7.06 -3.55
CA SER B 266 12.05 -6.95 -3.47
C SER B 266 13.45 -6.63 -2.91
N SER B 267 14.14 -5.65 -3.50
CA SER B 267 15.46 -5.18 -2.93
C SER B 267 15.47 -4.93 -1.39
N ASP B 268 16.51 -5.38 -0.70
CA ASP B 268 16.65 -5.08 0.70
C ASP B 268 17.84 -4.14 0.95
N PHE B 269 18.20 -3.87 2.19
CA PHE B 269 19.28 -2.93 2.45
C PHE B 269 20.55 -3.45 1.85
N SER B 270 20.79 -4.77 1.96
CA SER B 270 21.98 -5.29 1.30
C SER B 270 22.07 -5.08 -0.23
N ASN B 271 20.95 -5.21 -0.93
CA ASN B 271 20.91 -4.89 -2.36
C ASN B 271 21.14 -3.40 -2.66
N ALA B 272 20.72 -2.50 -1.76
CA ALA B 272 20.84 -1.08 -1.95
C ALA B 272 22.31 -0.65 -1.87
N ARG B 273 23.02 -1.18 -0.91
CA ARG B 273 24.48 -1.02 -0.77
C ARG B 273 25.07 -1.44 -2.08
N ALA B 274 24.69 -2.61 -2.62
CA ALA B 274 25.40 -3.14 -3.85
C ALA B 274 25.08 -2.25 -5.05
N ALA B 275 23.84 -1.81 -5.12
CA ALA B 275 23.43 -0.93 -6.20
C ALA B 275 24.06 0.46 -6.09
N VAL B 276 24.11 1.04 -4.89
CA VAL B 276 24.79 2.34 -4.71
C VAL B 276 26.29 2.21 -5.08
N ILE B 277 26.92 1.11 -4.66
CA ILE B 277 28.35 0.92 -5.07
C ILE B 277 28.49 0.88 -6.60
N GLN B 278 27.58 0.17 -7.28
CA GLN B 278 27.74 -0.06 -8.71
C GLN B 278 27.55 1.25 -9.44
N ALA B 279 26.53 1.97 -9.04
CA ALA B 279 26.28 3.30 -9.57
C ALA B 279 27.46 4.26 -9.38
N ALA B 280 28.11 4.24 -8.19
CA ALA B 280 29.30 5.03 -7.95
C ALA B 280 30.40 4.65 -8.98
N LYS B 281 30.61 3.35 -9.14
CA LYS B 281 31.60 2.82 -10.08
C LYS B 281 31.26 3.23 -11.51
N ASP B 282 30.01 3.11 -11.93
CA ASP B 282 29.63 3.51 -13.30
C ASP B 282 29.98 4.94 -13.55
N GLN B 283 29.75 5.78 -12.56
CA GLN B 283 29.81 7.18 -12.80
C GLN B 283 31.19 7.76 -12.56
N TYR B 284 32.02 7.13 -11.72
CA TYR B 284 33.30 7.72 -11.27
C TYR B 284 34.49 6.81 -11.49
N GLY B 285 34.23 5.55 -11.76
CA GLY B 285 35.29 4.55 -11.92
C GLY B 285 35.33 3.51 -10.81
N ALA B 286 35.76 2.31 -11.15
CA ALA B 286 35.85 1.20 -10.19
C ALA B 286 36.58 1.56 -8.88
N ASN B 287 37.62 2.37 -8.97
CA ASN B 287 38.43 2.62 -7.79
C ASN B 287 38.32 4.01 -7.19
N SER B 288 37.36 4.77 -7.71
CA SER B 288 37.18 6.17 -7.38
C SER B 288 37.03 6.42 -5.89
N ALA B 289 37.27 7.66 -5.49
CA ALA B 289 36.91 8.12 -4.16
C ALA B 289 35.39 7.92 -3.90
N GLU B 290 34.60 8.15 -4.95
CA GLU B 290 33.17 7.98 -4.86
C GLU B 290 32.80 6.49 -4.67
N ALA B 291 33.42 5.57 -5.40
CA ALA B 291 33.10 4.18 -5.11
C ALA B 291 33.53 3.78 -3.67
N THR B 292 34.65 4.31 -3.18
CA THR B 292 35.10 3.99 -1.81
C THR B 292 34.12 4.58 -0.74
N ALA B 293 33.72 5.85 -0.92
CA ALA B 293 32.82 6.57 0.04
C ALA B 293 31.48 5.88 0.05
N ALA B 294 31.03 5.50 -1.13
CA ALA B 294 29.80 4.73 -1.20
C ALA B 294 29.87 3.42 -0.39
N ALA B 295 30.93 2.63 -0.52
CA ALA B 295 31.00 1.42 0.33
C ALA B 295 31.07 1.74 1.82
N LYS B 296 31.88 2.75 2.17
CA LYS B 296 32.10 3.07 3.60
C LYS B 296 30.83 3.65 4.23
N SER B 297 30.01 4.32 3.42
CA SER B 297 28.76 4.92 3.94
C SER B 297 27.83 3.79 4.42
N PHE B 298 27.76 2.66 3.70
CA PHE B 298 27.01 1.49 4.20
C PHE B 298 27.70 0.76 5.37
N ASP B 299 29.02 0.65 5.32
CA ASP B 299 29.77 0.14 6.47
C ASP B 299 29.41 0.91 7.73
N ALA B 300 29.36 2.26 7.66
CA ALA B 300 29.13 3.09 8.87
C ALA B 300 27.77 2.80 9.46
N VAL B 301 26.78 2.56 8.59
CA VAL B 301 25.45 2.29 9.14
C VAL B 301 25.15 0.79 9.44
N GLY B 302 26.12 -0.11 9.28
CA GLY B 302 25.91 -1.52 9.70
C GLY B 302 25.31 -2.35 8.56
N VAL B 303 25.21 -1.82 7.34
CA VAL B 303 24.70 -2.62 6.16
C VAL B 303 25.86 -3.23 5.38
N ASN B 304 25.99 -4.56 5.48
CA ASN B 304 27.04 -5.21 4.70
C ASN B 304 26.52 -5.95 3.45
#